data_5KUT
#
_entry.id   5KUT
#
_cell.length_a   80.610
_cell.length_b   122.760
_cell.length_c   103.890
_cell.angle_alpha   90.00
_cell.angle_beta   90.00
_cell.angle_gamma   90.00
#
_symmetry.space_group_name_H-M   'C 2 2 21'
#
loop_
_entity.id
_entity.type
_entity.pdbx_description
1 polymer 'Mitochondrial Rho GTPase 2'
2 non-polymer "GUANOSINE-5'-DIPHOSPHATE"
3 non-polymer 'MAGNESIUM ION'
4 water water
#
_entity_poly.entity_id   1
_entity_poly.type   'polypeptide(L)'
_entity_poly.pdbx_seq_one_letter_code
;MKGQTQRSVLLCKVVGACGVGKSAFLQAFLGRGLGHQDTREQPPGYAIDTVQVNGQEKYLILCEVGTDGLLATSLDATCD
VACLMFDGSDPKSFAHCASVYKHHYMDGQTPCLFVSSKADLPEGVAVSGPSPAEFCRKHRLPAPVPFSCAGPAEPSTTIF
TQLATMAAFPHLVHAELHPSSLEHHHHHH
;
_entity_poly.pdbx_strand_id   A,B,C
#
# COMPACT_ATOMS: atom_id res chain seq x y z
N MET A 1 3.93 -38.32 -25.51
CA MET A 1 3.23 -39.37 -24.77
C MET A 1 2.24 -38.78 -23.78
N LYS A 2 1.32 -39.61 -23.31
CA LYS A 2 0.38 -39.18 -22.27
C LYS A 2 1.12 -38.86 -20.98
N GLY A 3 0.73 -37.74 -20.36
CA GLY A 3 1.36 -37.32 -19.12
C GLY A 3 2.69 -36.62 -19.27
N GLN A 4 3.15 -36.39 -20.50
CA GLN A 4 4.39 -35.69 -20.74
C GLN A 4 4.11 -34.35 -21.41
N THR A 5 5.09 -33.46 -21.34
CA THR A 5 4.99 -32.16 -21.96
C THR A 5 6.34 -31.75 -22.53
N GLN A 6 6.28 -31.00 -23.64
CA GLN A 6 7.49 -30.47 -24.25
C GLN A 6 8.21 -29.48 -23.34
N ARG A 7 7.50 -28.90 -22.38
CA ARG A 7 8.10 -27.91 -21.47
C ARG A 7 9.14 -28.56 -20.58
N SER A 8 10.36 -28.05 -20.62
CA SER A 8 11.38 -28.41 -19.64
C SER A 8 11.45 -27.43 -18.49
N VAL A 9 10.96 -26.20 -18.68
CA VAL A 9 11.09 -25.11 -17.71
C VAL A 9 9.73 -24.47 -17.52
N LEU A 10 9.32 -24.30 -16.27
CA LEU A 10 8.03 -23.77 -15.89
C LEU A 10 8.23 -22.55 -15.01
N LEU A 11 7.38 -21.54 -15.20
CA LEU A 11 7.47 -20.28 -14.48
C LEU A 11 6.29 -20.12 -13.54
N CYS A 12 6.56 -20.01 -12.25
CA CYS A 12 5.54 -19.68 -11.24
C CYS A 12 5.85 -18.32 -10.65
N LYS A 13 4.86 -17.43 -10.63
CA LYS A 13 5.00 -16.15 -9.95
C LYS A 13 4.37 -16.29 -8.57
N VAL A 14 5.18 -16.05 -7.53
CA VAL A 14 4.72 -16.05 -6.15
C VAL A 14 4.31 -14.61 -5.84
N VAL A 15 3.02 -14.37 -5.74
CA VAL A 15 2.43 -13.03 -5.79
C VAL A 15 1.79 -12.75 -4.42
N GLY A 16 2.25 -11.70 -3.75
CA GLY A 16 1.67 -11.38 -2.46
C GLY A 16 2.21 -10.10 -1.88
N ALA A 17 1.50 -9.62 -0.87
CA ALA A 17 1.87 -8.37 -0.20
C ALA A 17 3.18 -8.53 0.57
N CYS A 18 3.82 -7.40 0.85
CA CYS A 18 5.05 -7.41 1.65
C CYS A 18 4.81 -8.05 3.01
N GLY A 19 5.70 -8.95 3.39
CA GLY A 19 5.66 -9.59 4.70
C GLY A 19 4.86 -10.87 4.80
N VAL A 20 4.24 -11.34 3.70
CA VAL A 20 3.41 -12.55 3.81
C VAL A 20 4.23 -13.83 3.81
N GLY A 21 5.52 -13.76 3.49
CA GLY A 21 6.38 -14.92 3.48
C GLY A 21 6.87 -15.40 2.12
N LYS A 22 6.87 -14.53 1.10
CA LYS A 22 7.25 -14.97 -0.23
C LYS A 22 8.71 -15.41 -0.26
N SER A 23 9.60 -14.58 0.29
CA SER A 23 11.02 -14.90 0.22
C SER A 23 11.32 -16.18 0.99
N ALA A 24 10.67 -16.40 2.13
CA ALA A 24 10.87 -17.64 2.86
C ALA A 24 10.32 -18.84 2.09
N PHE A 25 9.23 -18.64 1.36
CA PHE A 25 8.65 -19.69 0.53
C PHE A 25 9.64 -20.14 -0.55
N LEU A 26 10.28 -19.19 -1.21
CA LEU A 26 11.32 -19.52 -2.20
C LEU A 26 12.47 -20.28 -1.55
N GLN A 27 12.84 -19.90 -0.32
CA GLN A 27 13.89 -20.63 0.39
C GLN A 27 13.46 -22.04 0.73
N ALA A 28 12.18 -22.22 1.10
CA ALA A 28 11.67 -23.55 1.41
C ALA A 28 11.63 -24.44 0.18
N PHE A 29 11.37 -23.86 -0.99
CA PHE A 29 11.48 -24.61 -2.24
C PHE A 29 12.86 -25.22 -2.39
N LEU A 30 13.89 -24.47 -2.01
CA LEU A 30 15.27 -24.96 -2.04
C LEU A 30 15.61 -25.78 -0.80
N GLY A 31 14.61 -26.20 -0.03
CA GLY A 31 14.83 -27.09 1.09
C GLY A 31 15.34 -26.44 2.36
N ARG A 32 15.07 -25.14 2.55
CA ARG A 32 15.55 -24.42 3.73
C ARG A 32 14.40 -23.72 4.41
N GLY A 33 14.18 -24.05 5.69
CA GLY A 33 13.18 -23.40 6.49
C GLY A 33 13.72 -22.13 7.13
N LEU A 34 12.91 -21.58 8.05
CA LEU A 34 13.26 -20.31 8.68
C LEU A 34 14.60 -20.42 9.42
N GLY A 35 15.43 -19.38 9.29
CA GLY A 35 16.79 -19.42 9.84
C GLY A 35 17.79 -20.14 8.98
N HIS A 36 17.49 -21.38 8.59
CA HIS A 36 18.35 -22.15 7.70
C HIS A 36 18.49 -21.54 6.31
N GLN A 37 17.95 -20.35 6.07
CA GLN A 37 18.00 -19.73 4.76
C GLN A 37 19.45 -19.37 4.38
N ASP A 38 19.67 -19.22 3.08
CA ASP A 38 20.99 -18.96 2.53
C ASP A 38 20.78 -18.11 1.28
N THR A 39 21.33 -16.90 1.30
CA THR A 39 20.97 -15.90 0.30
C THR A 39 21.87 -15.92 -0.93
N ARG A 40 23.14 -16.27 -0.78
CA ARG A 40 24.11 -16.06 -1.85
C ARG A 40 24.09 -17.15 -2.92
N GLU A 41 23.11 -18.05 -2.92
CA GLU A 41 23.06 -19.10 -3.93
CA GLU A 41 23.08 -19.09 -3.94
C GLU A 41 22.34 -18.66 -5.21
N GLN A 42 21.20 -18.01 -5.07
CA GLN A 42 20.35 -17.68 -6.20
C GLN A 42 20.07 -16.18 -6.21
N PRO A 43 19.63 -15.64 -7.35
CA PRO A 43 19.35 -14.20 -7.40
C PRO A 43 18.22 -13.85 -6.45
N PRO A 44 18.26 -12.65 -5.86
CA PRO A 44 17.14 -12.22 -5.00
C PRO A 44 15.83 -12.23 -5.78
N GLY A 45 14.80 -12.76 -5.16
CA GLY A 45 13.50 -12.81 -5.79
C GLY A 45 13.31 -13.95 -6.76
N TYR A 46 14.24 -14.90 -6.81
CA TYR A 46 14.14 -16.04 -7.71
C TYR A 46 14.62 -17.29 -6.98
N ALA A 47 13.98 -18.41 -7.26
CA ALA A 47 14.50 -19.71 -6.82
C ALA A 47 14.20 -20.73 -7.89
N ILE A 48 15.21 -21.45 -8.35
CA ILE A 48 15.04 -22.48 -9.36
CA ILE A 48 14.99 -22.49 -9.34
C ILE A 48 15.56 -23.80 -8.81
N ASP A 49 14.82 -24.87 -9.03
CA ASP A 49 15.29 -26.21 -8.72
C ASP A 49 14.47 -27.19 -9.57
N THR A 50 14.88 -28.46 -9.53
CA THR A 50 14.14 -29.45 -10.32
C THR A 50 12.98 -30.02 -9.52
N VAL A 51 11.92 -30.38 -10.25
CA VAL A 51 10.73 -30.98 -9.66
CA VAL A 51 10.73 -30.99 -9.65
C VAL A 51 10.24 -32.09 -10.59
N GLN A 52 9.92 -33.24 -10.02
CA GLN A 52 9.41 -34.35 -10.81
C GLN A 52 7.92 -34.14 -11.12
N VAL A 53 7.56 -34.26 -12.39
CA VAL A 53 6.16 -34.21 -12.83
C VAL A 53 5.91 -35.45 -13.66
N ASN A 54 5.13 -36.39 -13.12
CA ASN A 54 4.82 -37.65 -13.80
C ASN A 54 6.09 -38.39 -14.23
N GLY A 55 7.07 -38.45 -13.34
CA GLY A 55 8.32 -39.12 -13.61
C GLY A 55 9.34 -38.34 -14.41
N GLN A 56 8.98 -37.19 -14.98
CA GLN A 56 9.89 -36.40 -15.79
C GLN A 56 10.43 -35.23 -14.98
N GLU A 57 11.73 -34.99 -15.11
CA GLU A 57 12.37 -33.88 -14.40
C GLU A 57 12.06 -32.57 -15.10
N LYS A 58 11.54 -31.61 -14.33
CA LYS A 58 11.29 -30.27 -14.84
C LYS A 58 12.04 -29.26 -13.98
N TYR A 59 12.29 -28.10 -14.57
CA TYR A 59 12.80 -26.95 -13.83
C TYR A 59 11.61 -26.04 -13.51
N LEU A 60 11.43 -25.73 -12.23
CA LEU A 60 10.45 -24.78 -11.76
C LEU A 60 11.17 -23.52 -11.32
N ILE A 61 10.80 -22.38 -11.92
CA ILE A 61 11.26 -21.06 -11.52
C ILE A 61 10.19 -20.46 -10.62
N LEU A 62 10.55 -20.12 -9.39
CA LEU A 62 9.71 -19.28 -8.54
C LEU A 62 10.22 -17.85 -8.66
N CYS A 63 9.29 -16.92 -8.95
CA CYS A 63 9.61 -15.52 -9.17
C CYS A 63 8.79 -14.68 -8.22
N GLU A 64 9.46 -14.05 -7.25
CA GLU A 64 8.77 -13.29 -6.21
C GLU A 64 8.29 -11.95 -6.74
N VAL A 65 7.01 -11.64 -6.51
CA VAL A 65 6.39 -10.43 -7.01
C VAL A 65 5.55 -9.82 -5.89
N GLY A 66 5.85 -8.57 -5.52
CA GLY A 66 5.07 -7.90 -4.50
C GLY A 66 3.79 -7.28 -5.05
N THR A 67 2.87 -6.96 -4.13
CA THR A 67 1.60 -6.34 -4.51
C THR A 67 1.24 -5.13 -3.65
N ASP A 68 2.13 -4.67 -2.79
CA ASP A 68 1.83 -3.52 -1.95
CA ASP A 68 1.80 -3.52 -1.96
C ASP A 68 1.64 -2.26 -2.80
N GLY A 69 0.74 -1.39 -2.34
CA GLY A 69 0.48 -0.13 -3.00
C GLY A 69 0.23 -0.22 -4.49
N LEU A 70 1.04 0.50 -5.26
CA LEU A 70 0.88 0.54 -6.70
CA LEU A 70 0.87 0.55 -6.71
C LEU A 70 1.13 -0.81 -7.37
N LEU A 71 1.89 -1.68 -6.72
CA LEU A 71 2.16 -2.98 -7.31
C LEU A 71 0.89 -3.80 -7.50
N ALA A 72 -0.17 -3.49 -6.75
CA ALA A 72 -1.42 -4.24 -6.90
C ALA A 72 -2.03 -4.03 -8.28
N THR A 73 -1.75 -2.90 -8.92
CA THR A 73 -2.20 -2.64 -10.28
C THR A 73 -1.09 -2.75 -11.31
N SER A 74 0.13 -2.36 -10.95
CA SER A 74 1.28 -2.43 -11.85
C SER A 74 1.92 -3.83 -11.75
N LEU A 75 1.19 -4.81 -12.28
CA LEU A 75 1.61 -6.21 -12.22
C LEU A 75 1.63 -6.81 -13.62
N ASP A 76 2.78 -7.37 -13.99
CA ASP A 76 2.86 -8.23 -15.17
C ASP A 76 2.46 -9.62 -14.73
N ALA A 77 1.21 -10.00 -15.04
CA ALA A 77 0.64 -11.23 -14.51
C ALA A 77 1.05 -12.48 -15.28
N THR A 78 1.80 -12.34 -16.37
CA THR A 78 2.12 -13.48 -17.23
CA THR A 78 2.11 -13.48 -17.23
C THR A 78 2.98 -14.50 -16.49
N CYS A 79 2.52 -15.74 -16.48
CA CYS A 79 3.26 -16.85 -15.88
C CYS A 79 2.55 -18.14 -16.25
N ASP A 80 3.19 -19.27 -15.93
CA ASP A 80 2.54 -20.55 -16.18
C ASP A 80 1.59 -20.95 -15.06
N VAL A 81 1.88 -20.54 -13.82
CA VAL A 81 0.98 -20.72 -12.68
C VAL A 81 1.24 -19.57 -11.71
N ALA A 82 0.17 -19.00 -11.18
CA ALA A 82 0.26 -17.93 -10.20
C ALA A 82 0.05 -18.52 -8.82
N CYS A 83 1.02 -18.32 -7.93
CA CYS A 83 0.90 -18.70 -6.52
C CYS A 83 0.52 -17.43 -5.75
N LEU A 84 -0.74 -17.31 -5.39
CA LEU A 84 -1.24 -16.12 -4.70
C LEU A 84 -1.18 -16.36 -3.19
N MET A 85 -0.28 -15.65 -2.52
CA MET A 85 0.03 -15.92 -1.12
C MET A 85 -0.58 -14.85 -0.22
N PHE A 86 -1.21 -15.29 0.86
CA PHE A 86 -1.70 -14.38 1.89
C PHE A 86 -1.30 -14.92 3.25
N ASP A 87 -1.16 -14.01 4.22
CA ASP A 87 -0.71 -14.37 5.56
C ASP A 87 -1.87 -15.00 6.31
N GLY A 88 -1.76 -16.30 6.62
CA GLY A 88 -2.80 -16.99 7.35
C GLY A 88 -3.01 -16.50 8.77
N SER A 89 -2.02 -15.82 9.34
CA SER A 89 -2.13 -15.26 10.68
C SER A 89 -2.58 -13.82 10.67
N ASP A 90 -2.86 -13.24 9.50
CA ASP A 90 -3.24 -11.84 9.39
C ASP A 90 -4.68 -11.75 8.95
N PRO A 91 -5.58 -11.34 9.84
CA PRO A 91 -6.99 -11.10 9.45
C PRO A 91 -7.21 -10.33 8.14
N LYS A 92 -6.44 -9.28 7.89
CA LYS A 92 -6.69 -8.44 6.71
C LYS A 92 -5.99 -8.92 5.44
N SER A 93 -5.21 -10.00 5.53
CA SER A 93 -4.32 -10.36 4.42
C SER A 93 -5.10 -10.86 3.21
N PHE A 94 -6.12 -11.71 3.43
CA PHE A 94 -6.76 -12.39 2.31
C PHE A 94 -7.44 -11.43 1.36
N ALA A 95 -8.14 -10.42 1.91
CA ALA A 95 -8.92 -9.52 1.08
C ALA A 95 -8.06 -8.87 0.00
N HIS A 96 -6.85 -8.44 0.36
CA HIS A 96 -5.96 -7.85 -0.62
C HIS A 96 -5.53 -8.88 -1.66
N CYS A 97 -5.24 -10.11 -1.21
CA CYS A 97 -4.88 -11.18 -2.12
C CYS A 97 -6.02 -11.52 -3.07
N ALA A 98 -7.26 -11.55 -2.55
CA ALA A 98 -8.41 -11.84 -3.40
C ALA A 98 -8.63 -10.75 -4.44
N SER A 99 -8.37 -9.48 -4.07
CA SER A 99 -8.52 -8.38 -5.03
C SER A 99 -7.50 -8.49 -6.16
N VAL A 100 -6.28 -8.95 -5.85
CA VAL A 100 -5.28 -9.14 -6.90
C VAL A 100 -5.76 -10.20 -7.89
N TYR A 101 -6.35 -11.28 -7.39
CA TYR A 101 -6.85 -12.33 -8.26
C TYR A 101 -7.95 -11.80 -9.19
N LYS A 102 -8.91 -11.06 -8.63
CA LYS A 102 -10.03 -10.59 -9.43
C LYS A 102 -9.57 -9.67 -10.56
N HIS A 103 -8.59 -8.81 -10.29
CA HIS A 103 -8.18 -7.80 -11.25
C HIS A 103 -7.17 -8.29 -12.28
N HIS A 104 -6.50 -9.41 -12.01
CA HIS A 104 -5.44 -9.87 -12.90
C HIS A 104 -5.63 -11.29 -13.42
N TYR A 105 -6.34 -12.17 -12.71
CA TYR A 105 -6.39 -13.57 -13.08
C TYR A 105 -7.79 -14.17 -13.18
N MET A 106 -8.84 -13.47 -12.71
CA MET A 106 -10.12 -14.14 -12.47
C MET A 106 -10.69 -14.80 -13.72
N ASP A 107 -10.73 -14.06 -14.84
CA ASP A 107 -11.27 -14.59 -16.08
C ASP A 107 -10.19 -14.81 -17.13
N GLY A 108 -9.00 -15.24 -16.69
CA GLY A 108 -7.94 -15.65 -17.57
C GLY A 108 -7.83 -17.16 -17.66
N GLN A 109 -6.77 -17.61 -18.30
CA GLN A 109 -6.50 -19.03 -18.44
C GLN A 109 -5.34 -19.50 -17.57
N THR A 110 -4.72 -18.62 -16.80
CA THR A 110 -3.58 -19.00 -15.99
C THR A 110 -4.05 -19.69 -14.72
N PRO A 111 -3.58 -20.91 -14.42
CA PRO A 111 -3.97 -21.56 -13.18
C PRO A 111 -3.47 -20.77 -11.97
N CYS A 112 -4.29 -20.75 -10.92
CA CYS A 112 -4.00 -20.00 -9.71
C CYS A 112 -4.14 -20.91 -8.50
N LEU A 113 -3.17 -20.81 -7.59
CA LEU A 113 -3.18 -21.55 -6.34
C LEU A 113 -3.06 -20.56 -5.19
N PHE A 114 -4.08 -20.49 -4.35
CA PHE A 114 -4.03 -19.68 -3.14
C PHE A 114 -3.26 -20.42 -2.06
N VAL A 115 -2.33 -19.73 -1.43
CA VAL A 115 -1.50 -20.32 -0.40
C VAL A 115 -1.63 -19.51 0.88
N SER A 116 -1.98 -20.18 1.97
CA SER A 116 -2.11 -19.56 3.29
C SER A 116 -0.81 -19.78 4.04
N SER A 117 0.00 -18.72 4.13
CA SER A 117 1.33 -18.84 4.72
C SER A 117 1.27 -18.76 6.24
N LYS A 118 2.39 -19.09 6.87
CA LYS A 118 2.55 -19.02 8.33
C LYS A 118 1.50 -19.86 9.06
N ALA A 119 1.32 -21.09 8.57
CA ALA A 119 0.33 -21.99 9.18
C ALA A 119 0.73 -22.43 10.59
N ASP A 120 1.99 -22.25 10.96
CA ASP A 120 2.46 -22.59 12.30
C ASP A 120 1.99 -21.58 13.35
N LEU A 121 1.64 -20.37 12.95
CA LEU A 121 1.20 -19.35 13.88
C LEU A 121 -0.28 -19.49 14.17
N PRO A 122 -0.76 -18.86 15.25
CA PRO A 122 -2.20 -18.80 15.49
C PRO A 122 -2.93 -18.18 14.30
N GLU A 123 -3.99 -18.83 13.87
CA GLU A 123 -4.71 -18.40 12.67
C GLU A 123 -5.40 -17.08 12.89
N GLY A 124 -5.49 -16.29 11.83
CA GLY A 124 -6.15 -14.99 11.89
C GLY A 124 -7.28 -14.85 10.89
N VAL A 125 -8.51 -14.92 11.38
CA VAL A 125 -9.70 -14.85 10.55
C VAL A 125 -10.05 -13.40 10.26
N ALA A 126 -10.66 -13.16 9.11
CA ALA A 126 -11.19 -11.84 8.78
C ALA A 126 -12.55 -11.63 9.42
N VAL A 127 -12.90 -10.36 9.63
CA VAL A 127 -14.18 -10.06 10.28
C VAL A 127 -15.34 -10.23 9.32
N SER A 128 -15.18 -9.82 8.06
CA SER A 128 -16.22 -9.99 7.07
C SER A 128 -16.08 -11.36 6.41
N GLY A 129 -16.88 -11.61 5.39
CA GLY A 129 -16.72 -12.82 4.59
C GLY A 129 -16.27 -12.44 3.19
N PRO A 130 -16.00 -13.45 2.35
CA PRO A 130 -16.05 -14.86 2.71
C PRO A 130 -14.71 -15.39 3.20
N SER A 131 -14.70 -16.61 3.73
CA SER A 131 -13.45 -17.25 4.10
C SER A 131 -12.64 -17.55 2.84
N PRO A 132 -11.32 -17.76 2.99
CA PRO A 132 -10.52 -18.15 1.81
C PRO A 132 -11.05 -19.40 1.14
N ALA A 133 -11.48 -20.40 1.91
CA ALA A 133 -12.01 -21.63 1.32
C ALA A 133 -13.31 -21.37 0.58
N GLU A 134 -14.15 -20.49 1.12
CA GLU A 134 -15.42 -20.18 0.47
C GLU A 134 -15.19 -19.40 -0.81
N PHE A 135 -14.19 -18.50 -0.81
CA PHE A 135 -13.87 -17.74 -2.01
C PHE A 135 -13.42 -18.65 -3.15
N CYS A 136 -12.58 -19.64 -2.83
CA CYS A 136 -12.06 -20.53 -3.88
C CYS A 136 -13.15 -21.44 -4.42
N ARG A 137 -14.08 -21.88 -3.56
CA ARG A 137 -15.20 -22.68 -4.03
C ARG A 137 -16.07 -21.90 -5.02
N LYS A 138 -16.33 -20.62 -4.72
CA LYS A 138 -17.19 -19.82 -5.59
C LYS A 138 -16.52 -19.52 -6.92
N HIS A 139 -15.27 -19.06 -6.88
CA HIS A 139 -14.52 -18.77 -8.10
C HIS A 139 -13.89 -20.01 -8.71
N ARG A 140 -14.17 -21.19 -8.15
CA ARG A 140 -13.75 -22.48 -8.70
C ARG A 140 -12.23 -22.55 -8.87
N LEU A 141 -11.52 -22.28 -7.79
CA LEU A 141 -10.10 -22.51 -7.64
C LEU A 141 -9.89 -23.72 -6.75
N PRO A 142 -8.69 -24.31 -6.74
CA PRO A 142 -8.39 -25.33 -5.73
C PRO A 142 -8.54 -24.74 -4.33
N ALA A 143 -8.71 -25.62 -3.36
CA ALA A 143 -8.76 -25.16 -1.98
C ALA A 143 -7.43 -24.53 -1.60
N PRO A 144 -7.43 -23.42 -0.84
CA PRO A 144 -6.17 -22.81 -0.44
C PRO A 144 -5.31 -23.77 0.36
N VAL A 145 -4.02 -23.80 0.05
CA VAL A 145 -3.08 -24.74 0.63
C VAL A 145 -2.36 -24.05 1.78
N PRO A 146 -2.43 -24.57 3.00
CA PRO A 146 -1.64 -23.99 4.10
C PRO A 146 -0.18 -24.39 3.96
N PHE A 147 0.71 -23.47 4.33
CA PHE A 147 2.14 -23.74 4.25
C PHE A 147 2.83 -23.10 5.44
N SER A 148 3.91 -23.76 5.89
CA SER A 148 4.71 -23.22 6.98
C SER A 148 6.19 -23.46 6.70
N CYS A 149 7.00 -22.47 7.06
CA CYS A 149 8.45 -22.54 6.91
CA CYS A 149 8.45 -22.52 6.91
C CYS A 149 9.18 -22.79 8.22
N ALA A 150 8.48 -22.74 9.36
CA ALA A 150 9.11 -22.84 10.66
C ALA A 150 9.17 -24.30 11.11
N GLY A 151 9.38 -24.52 12.41
CA GLY A 151 9.59 -25.84 12.95
C GLY A 151 10.99 -26.33 12.68
N PRO A 152 11.45 -27.30 13.46
CA PRO A 152 12.75 -27.93 13.15
C PRO A 152 12.68 -28.93 12.01
N ALA A 153 11.47 -29.26 11.55
CA ALA A 153 11.31 -30.24 10.49
C ALA A 153 11.55 -29.62 9.12
N GLU A 154 12.00 -30.46 8.19
CA GLU A 154 12.23 -30.00 6.83
C GLU A 154 10.93 -29.51 6.21
N PRO A 155 10.96 -28.43 5.43
CA PRO A 155 9.73 -27.96 4.79
C PRO A 155 9.16 -29.00 3.84
N SER A 156 7.83 -29.08 3.82
CA SER A 156 7.14 -29.99 2.91
C SER A 156 7.40 -29.58 1.46
N THR A 157 7.49 -30.58 0.59
CA THR A 157 7.74 -30.34 -0.83
C THR A 157 6.48 -30.51 -1.68
N THR A 158 5.34 -30.84 -1.07
CA THR A 158 4.15 -31.23 -1.83
C THR A 158 3.62 -30.07 -2.66
N ILE A 159 3.62 -28.86 -2.10
CA ILE A 159 3.01 -27.73 -2.80
C ILE A 159 3.83 -27.36 -4.04
N PHE A 160 5.14 -27.64 -4.04
CA PHE A 160 5.93 -27.32 -5.22
C PHE A 160 5.69 -28.31 -6.34
N THR A 161 5.52 -29.59 -6.00
CA THR A 161 5.06 -30.54 -7.02
C THR A 161 3.70 -30.13 -7.56
N GLN A 162 2.81 -29.65 -6.69
CA GLN A 162 1.50 -29.21 -7.12
C GLN A 162 1.60 -28.01 -8.06
N LEU A 163 2.43 -27.03 -7.72
CA LEU A 163 2.59 -25.87 -8.59
C LEU A 163 3.19 -26.26 -9.94
N ALA A 164 4.19 -27.13 -9.93
CA ALA A 164 4.80 -27.57 -11.19
C ALA A 164 3.78 -28.31 -12.05
N THR A 165 2.98 -29.18 -11.44
CA THR A 165 1.98 -29.94 -12.20
C THR A 165 0.91 -29.02 -12.78
N MET A 166 0.44 -28.04 -12.01
CA MET A 166 -0.50 -27.06 -12.54
C MET A 166 0.11 -26.28 -13.71
N ALA A 167 1.39 -25.92 -13.60
CA ALA A 167 2.04 -25.19 -14.67
C ALA A 167 2.20 -26.05 -15.91
N ALA A 168 2.49 -27.33 -15.72
CA ALA A 168 2.78 -28.21 -16.86
C ALA A 168 1.51 -28.58 -17.62
N PHE A 169 0.41 -28.81 -16.90
CA PHE A 169 -0.86 -29.24 -17.50
C PHE A 169 -1.95 -28.28 -17.02
N PRO A 170 -2.01 -27.09 -17.61
CA PRO A 170 -2.95 -26.06 -17.12
C PRO A 170 -4.42 -26.36 -17.39
N HIS A 171 -4.73 -27.34 -18.24
CA HIS A 171 -6.12 -27.63 -18.59
C HIS A 171 -6.76 -28.67 -17.69
N LEU A 172 -6.01 -29.25 -16.76
CA LEU A 172 -6.53 -30.22 -15.81
C LEU A 172 -6.64 -29.67 -14.40
N VAL A 173 -6.46 -28.36 -14.23
CA VAL A 173 -6.71 -27.70 -12.95
C VAL A 173 -8.18 -27.35 -12.88
N HIS A 174 -8.76 -27.43 -11.68
CA HIS A 174 -10.20 -27.29 -11.50
C HIS A 174 -10.49 -27.11 -10.01
N ALA A 175 -11.78 -26.96 -9.70
CA ALA A 175 -12.22 -26.79 -8.32
C ALA A 175 -12.43 -28.13 -7.63
N LEU A 177 -15.21 -29.82 -8.07
CA LEU A 177 -15.71 -30.74 -9.09
C LEU A 177 -16.82 -31.62 -8.53
N HIS A 178 -17.89 -31.79 -9.30
CA HIS A 178 -19.05 -32.56 -8.85
C HIS A 178 -19.48 -33.58 -9.91
N PRO A 179 -19.54 -34.87 -9.54
CA PRO A 179 -19.09 -35.39 -8.24
C PRO A 179 -17.56 -35.40 -8.13
N SER A 180 -17.01 -35.76 -6.98
CA SER A 180 -15.57 -35.83 -6.82
C SER A 180 -14.98 -36.92 -7.73
N MET B 1 6.13 35.72 12.07
CA MET B 1 7.20 35.90 13.04
C MET B 1 8.34 34.94 12.74
N LYS B 2 9.55 35.30 13.20
CA LYS B 2 10.70 34.44 13.03
C LYS B 2 10.48 33.10 13.71
N GLY B 3 10.82 32.02 13.01
CA GLY B 3 10.66 30.69 13.56
C GLY B 3 9.25 30.14 13.48
N GLN B 4 8.29 30.90 12.96
CA GLN B 4 6.92 30.45 12.79
CA GLN B 4 6.93 30.44 12.80
C GLN B 4 6.61 30.24 11.32
N THR B 5 5.64 29.37 11.06
CA THR B 5 5.19 29.12 9.70
C THR B 5 3.67 28.99 9.72
N GLN B 6 3.04 29.43 8.63
CA GLN B 6 1.60 29.27 8.52
C GLN B 6 1.19 27.82 8.27
N ARG B 7 2.12 26.95 7.89
CA ARG B 7 1.84 25.53 7.79
C ARG B 7 1.38 24.98 9.13
N SER B 8 0.15 24.45 9.17
CA SER B 8 -0.30 23.72 10.33
C SER B 8 -0.09 22.23 10.22
N VAL B 9 0.03 21.70 9.00
CA VAL B 9 0.12 20.27 8.76
C VAL B 9 1.31 20.01 7.83
N LEU B 10 2.13 19.03 8.19
CA LEU B 10 3.35 18.71 7.46
C LEU B 10 3.29 17.26 7.01
N LEU B 11 3.79 16.99 5.81
CA LEU B 11 3.74 15.66 5.19
C LEU B 11 5.14 15.10 5.07
N CYS B 12 5.39 13.97 5.72
CA CYS B 12 6.64 13.22 5.58
C CYS B 12 6.35 11.87 4.96
N LYS B 13 7.05 11.55 3.87
CA LYS B 13 6.96 10.22 3.27
C LYS B 13 8.11 9.38 3.82
N VAL B 14 7.76 8.26 4.43
CA VAL B 14 8.72 7.29 4.93
C VAL B 14 8.93 6.28 3.82
N VAL B 15 10.09 6.32 3.19
CA VAL B 15 10.34 5.69 1.90
C VAL B 15 11.40 4.63 2.09
N GLY B 16 11.07 3.38 1.76
CA GLY B 16 12.06 2.33 1.93
C GLY B 16 11.55 0.97 1.47
N ALA B 17 12.49 0.04 1.34
CA ALA B 17 12.20 -1.29 0.83
C ALA B 17 11.34 -2.09 1.82
N CYS B 18 10.64 -3.10 1.29
CA CYS B 18 9.86 -3.99 2.13
C CYS B 18 10.72 -4.58 3.24
N GLY B 19 10.21 -4.55 4.46
CA GLY B 19 10.86 -5.16 5.61
C GLY B 19 11.90 -4.31 6.33
N VAL B 20 12.15 -3.07 5.89
CA VAL B 20 13.17 -2.26 6.57
C VAL B 20 12.67 -1.66 7.88
N GLY B 21 11.37 -1.68 8.14
CA GLY B 21 10.83 -1.19 9.39
C GLY B 21 9.98 0.07 9.30
N LYS B 22 9.35 0.31 8.15
CA LYS B 22 8.56 1.54 7.98
C LYS B 22 7.32 1.52 8.88
N SER B 23 6.58 0.40 8.88
CA SER B 23 5.36 0.34 9.67
C SER B 23 5.66 0.43 11.16
N ALA B 24 6.71 -0.23 11.62
CA ALA B 24 7.12 -0.09 13.02
C ALA B 24 7.55 1.35 13.33
N PHE B 25 8.19 2.01 12.36
CA PHE B 25 8.57 3.41 12.53
C PHE B 25 7.33 4.29 12.71
N LEU B 26 6.29 4.03 11.92
CA LEU B 26 5.04 4.79 12.06
C LEU B 26 4.40 4.54 13.43
N GLN B 27 4.42 3.29 13.89
CA GLN B 27 3.87 2.97 15.21
C GLN B 27 4.69 3.62 16.32
N ALA B 28 6.02 3.67 16.16
CA ALA B 28 6.85 4.35 17.16
C ALA B 28 6.50 5.83 17.26
N PHE B 29 6.09 6.45 16.15
CA PHE B 29 5.67 7.85 16.18
C PHE B 29 4.46 8.01 17.09
N LEU B 30 3.56 7.03 17.09
CA LEU B 30 2.40 7.02 17.97
C LEU B 30 2.74 6.46 19.35
N GLY B 31 4.02 6.31 19.67
CA GLY B 31 4.45 5.90 21.00
C GLY B 31 4.41 4.41 21.27
N ARG B 32 4.43 3.57 20.23
CA ARG B 32 4.28 2.13 20.38
C ARG B 32 5.50 1.43 19.82
N GLY B 33 6.20 0.67 20.67
CA GLY B 33 7.35 -0.09 20.25
C GLY B 33 6.97 -1.47 19.72
N LEU B 34 8.01 -2.25 19.37
CA LEU B 34 7.80 -3.59 18.85
C LEU B 34 7.01 -4.44 19.84
N GLY B 35 6.09 -5.25 19.32
CA GLY B 35 5.24 -6.08 20.15
C GLY B 35 4.17 -5.33 20.91
N HIS B 36 4.25 -4.01 21.00
CA HIS B 36 3.24 -3.18 21.65
C HIS B 36 2.50 -2.30 20.63
N GLN B 37 2.45 -2.74 19.38
CA GLN B 37 1.79 -1.99 18.33
C GLN B 37 0.29 -2.28 18.32
N THR B 39 -2.71 -1.32 15.79
CA THR B 39 -2.98 -0.97 14.41
C THR B 39 -4.42 -0.48 14.23
N ARG B 40 -5.15 -0.42 15.34
CA ARG B 40 -6.60 -0.20 15.25
C ARG B 40 -6.97 1.28 15.15
N GLU B 41 -6.07 2.20 15.47
CA GLU B 41 -6.48 3.59 15.64
C GLU B 41 -6.42 4.42 14.36
N GLN B 42 -5.49 4.12 13.46
CA GLN B 42 -5.22 4.96 12.30
C GLN B 42 -5.18 4.11 11.04
N PRO B 43 -5.40 4.71 9.87
CA PRO B 43 -5.45 3.92 8.64
CA PRO B 43 -5.45 3.92 8.64
C PRO B 43 -4.11 3.28 8.36
N PRO B 44 -4.10 2.11 7.71
CA PRO B 44 -2.82 1.46 7.39
C PRO B 44 -1.98 2.34 6.48
N GLY B 45 -0.69 2.40 6.77
CA GLY B 45 0.23 3.19 6.00
C GLY B 45 0.31 4.66 6.37
N TYR B 46 -0.41 5.08 7.41
CA TYR B 46 -0.41 6.46 7.86
C TYR B 46 -0.24 6.50 9.38
N ALA B 47 0.39 7.57 9.86
CA ALA B 47 0.46 7.86 11.28
C ALA B 47 0.51 9.38 11.43
N ILE B 48 -0.44 9.94 12.17
CA ILE B 48 -0.52 11.37 12.38
CA ILE B 48 -0.50 11.37 12.37
C ILE B 48 -0.55 11.66 13.86
N ASP B 49 0.29 12.59 14.31
CA ASP B 49 0.26 13.05 15.68
C ASP B 49 0.74 14.49 15.69
N THR B 50 0.58 15.15 16.83
CA THR B 50 1.07 16.51 16.98
C THR B 50 2.53 16.49 17.41
N VAL B 51 3.29 17.46 16.90
CA VAL B 51 4.71 17.61 17.20
CA VAL B 51 4.70 17.62 17.23
C VAL B 51 5.00 19.09 17.37
N GLN B 52 5.83 19.44 18.36
CA GLN B 52 6.18 20.82 18.61
C GLN B 52 7.34 21.26 17.71
N VAL B 53 7.13 22.36 17.00
CA VAL B 53 8.15 22.98 16.16
C VAL B 53 8.28 24.44 16.59
N ASN B 54 9.40 24.78 17.24
CA ASN B 54 9.64 26.13 17.77
C ASN B 54 8.50 26.57 18.69
N GLY B 55 8.13 25.68 19.61
CA GLY B 55 7.09 26.00 20.58
C GLY B 55 5.68 26.02 20.04
N GLN B 56 5.48 25.67 18.78
CA GLN B 56 4.16 25.69 18.15
C GLN B 56 3.75 24.29 17.73
N GLU B 57 2.51 23.94 18.01
CA GLU B 57 2.02 22.59 17.73
C GLU B 57 1.70 22.44 16.24
N LYS B 58 2.32 21.45 15.61
CA LYS B 58 2.06 21.12 14.22
C LYS B 58 1.55 19.69 14.13
N TYR B 59 0.80 19.41 13.07
CA TYR B 59 0.38 18.05 12.74
C TYR B 59 1.37 17.48 11.74
N LEU B 60 1.93 16.33 12.07
CA LEU B 60 2.87 15.63 11.19
C LEU B 60 2.20 14.37 10.68
N ILE B 61 2.10 14.24 9.35
CA ILE B 61 1.60 13.04 8.70
C ILE B 61 2.80 12.23 8.24
N LEU B 62 2.91 11.01 8.74
CA LEU B 62 3.85 10.04 8.21
C LEU B 62 3.11 9.15 7.21
N CYS B 63 3.66 9.04 6.00
CA CYS B 63 3.07 8.27 4.91
CA CYS B 63 3.08 8.26 4.91
C CYS B 63 4.08 7.20 4.49
N GLU B 64 3.72 5.93 4.71
CA GLU B 64 4.59 4.82 4.36
C GLU B 64 4.55 4.56 2.87
N VAL B 65 5.73 4.51 2.24
CA VAL B 65 5.86 4.28 0.81
C VAL B 65 6.92 3.22 0.58
N GLY B 66 6.56 2.15 -0.14
CA GLY B 66 7.50 1.11 -0.47
C GLY B 66 8.32 1.42 -1.72
N THR B 67 9.47 0.74 -1.85
CA THR B 67 10.36 0.92 -2.98
C THR B 67 10.78 -0.37 -3.68
N ASP B 68 10.24 -1.53 -3.28
CA ASP B 68 10.63 -2.79 -3.88
CA ASP B 68 10.67 -2.77 -3.89
C ASP B 68 10.14 -2.88 -5.32
N GLY B 69 10.94 -3.51 -6.18
CA GLY B 69 10.52 -3.76 -7.55
C GLY B 69 10.19 -2.50 -8.30
N LEU B 70 9.02 -2.50 -8.94
CA LEU B 70 8.59 -1.36 -9.77
C LEU B 70 8.36 -0.09 -8.95
N LEU B 71 8.22 -0.20 -7.63
CA LEU B 71 8.03 0.98 -6.81
C LEU B 71 9.27 1.86 -6.77
N ALA B 72 10.44 1.29 -7.06
CA ALA B 72 11.67 2.08 -7.05
C ALA B 72 11.66 3.17 -8.11
N THR B 73 10.96 2.93 -9.22
CA THR B 73 10.78 3.93 -10.27
C THR B 73 9.42 4.59 -10.22
N SER B 74 8.36 3.81 -10.01
CA SER B 74 6.99 4.34 -9.93
C SER B 74 6.76 4.86 -8.51
N LEU B 75 7.26 6.07 -8.26
CA LEU B 75 7.17 6.69 -6.94
C LEU B 75 6.76 8.15 -7.11
N ASP B 76 5.70 8.54 -6.41
CA ASP B 76 5.32 9.95 -6.28
C ASP B 76 6.18 10.56 -5.18
N ALA B 77 7.24 11.26 -5.57
CA ALA B 77 8.24 11.70 -4.59
C ALA B 77 7.80 12.91 -3.78
N THR B 78 6.74 13.60 -4.21
CA THR B 78 6.39 14.87 -3.59
C THR B 78 6.03 14.71 -2.12
N CYS B 79 6.62 15.55 -1.29
CA CYS B 79 6.31 15.63 0.14
C CYS B 79 7.04 16.85 0.70
N ASP B 80 6.78 17.13 1.98
CA ASP B 80 7.50 18.22 2.65
C ASP B 80 8.88 17.78 3.11
N VAL B 81 9.05 16.51 3.48
CA VAL B 81 10.36 15.95 3.83
C VAL B 81 10.31 14.46 3.54
N ALA B 82 11.41 13.94 2.98
CA ALA B 82 11.51 12.51 2.68
C ALA B 82 12.35 11.83 3.74
N CYS B 83 11.79 10.82 4.37
CA CYS B 83 12.51 10.00 5.33
C CYS B 83 12.90 8.71 4.60
N LEU B 84 14.17 8.60 4.23
CA LEU B 84 14.68 7.48 3.43
C LEU B 84 15.25 6.44 4.38
N MET B 85 14.55 5.32 4.53
CA MET B 85 14.88 4.32 5.52
C MET B 85 15.57 3.13 4.87
N PHE B 86 16.64 2.66 5.49
CA PHE B 86 17.30 1.42 5.12
C PHE B 86 17.60 0.62 6.38
N ASP B 87 17.74 -0.69 6.21
CA ASP B 87 17.93 -1.61 7.33
C ASP B 87 19.39 -1.56 7.77
N GLY B 88 19.64 -1.03 8.96
CA GLY B 88 21.00 -0.94 9.47
C GLY B 88 21.66 -2.28 9.71
N SER B 89 20.87 -3.34 9.88
CA SER B 89 21.40 -4.67 10.10
C SER B 89 21.56 -5.46 8.81
N ASP B 90 21.13 -4.90 7.68
CA ASP B 90 21.16 -5.58 6.40
C ASP B 90 22.24 -4.98 5.52
N PRO B 91 23.25 -5.76 5.12
CA PRO B 91 24.36 -5.17 4.35
C PRO B 91 23.95 -4.65 2.98
N LYS B 92 23.02 -5.30 2.31
CA LYS B 92 22.63 -4.89 0.98
C LYS B 92 21.57 -3.79 0.99
N SER B 93 21.15 -3.32 2.16
CA SER B 93 19.98 -2.46 2.22
C SER B 93 20.26 -1.04 1.75
N PHE B 94 21.46 -0.51 2.03
CA PHE B 94 21.68 0.91 1.80
C PHE B 94 21.74 1.25 0.31
N ALA B 95 22.35 0.38 -0.50
CA ALA B 95 22.54 0.68 -1.92
C ALA B 95 21.21 0.97 -2.61
N HIS B 96 20.19 0.16 -2.35
CA HIS B 96 18.88 0.42 -2.93
C HIS B 96 18.32 1.76 -2.47
N CYS B 97 18.47 2.06 -1.18
CA CYS B 97 17.97 3.31 -0.63
C CYS B 97 18.69 4.51 -1.23
N ALA B 98 20.03 4.40 -1.40
CA ALA B 98 20.76 5.48 -2.05
C ALA B 98 20.33 5.64 -3.50
N SER B 99 19.99 4.54 -4.18
CA SER B 99 19.53 4.62 -5.56
C SER B 99 18.21 5.39 -5.66
N VAL B 100 17.30 5.16 -4.71
CA VAL B 100 16.04 5.92 -4.68
C VAL B 100 16.32 7.40 -4.52
N TYR B 101 17.24 7.76 -3.63
CA TYR B 101 17.62 9.16 -3.45
C TYR B 101 18.11 9.78 -4.75
N LYS B 102 19.00 9.08 -5.46
CA LYS B 102 19.58 9.64 -6.68
C LYS B 102 18.51 9.85 -7.76
N HIS B 103 17.57 8.91 -7.89
CA HIS B 103 16.60 8.98 -8.96
C HIS B 103 15.44 9.95 -8.69
N HIS B 104 15.20 10.32 -7.42
CA HIS B 104 14.00 11.07 -7.08
C HIS B 104 14.23 12.34 -6.25
N TYR B 105 15.35 12.46 -5.53
CA TYR B 105 15.53 13.57 -4.62
C TYR B 105 16.86 14.29 -4.71
N MET B 106 17.86 13.72 -5.39
CA MET B 106 19.23 14.23 -5.32
CA MET B 106 19.22 14.23 -5.33
C MET B 106 19.29 15.73 -5.63
N ASP B 107 18.88 16.13 -6.83
CA ASP B 107 18.99 17.52 -7.24
C ASP B 107 17.67 18.27 -7.16
N GLY B 108 16.77 17.84 -6.28
CA GLY B 108 15.56 18.58 -5.99
C GLY B 108 15.73 19.47 -4.77
N GLN B 109 14.60 19.98 -4.29
CA GLN B 109 14.60 20.87 -3.13
C GLN B 109 13.95 20.25 -1.90
N THR B 110 13.38 19.05 -2.02
CA THR B 110 12.75 18.39 -0.89
C THR B 110 13.82 17.97 0.10
N PRO B 111 13.74 18.37 1.37
CA PRO B 111 14.72 17.90 2.36
C PRO B 111 14.63 16.40 2.54
N CYS B 112 15.78 15.78 2.78
CA CYS B 112 15.88 14.33 2.94
CA CYS B 112 15.90 14.33 2.93
C CYS B 112 16.64 13.99 4.21
N LEU B 113 16.17 12.95 4.88
CA LEU B 113 16.81 12.42 6.08
C LEU B 113 16.96 10.92 5.91
N PHE B 114 18.20 10.44 5.96
CA PHE B 114 18.45 9.01 5.93
C PHE B 114 18.32 8.45 7.34
N VAL B 115 17.60 7.34 7.48
CA VAL B 115 17.37 6.71 8.76
C VAL B 115 17.82 5.26 8.70
N SER B 116 18.72 4.88 9.61
CA SER B 116 19.23 3.51 9.71
C SER B 116 18.41 2.78 10.76
N SER B 117 17.53 1.88 10.32
CA SER B 117 16.60 1.23 11.22
C SER B 117 17.24 0.01 11.89
N LYS B 118 16.53 -0.54 12.87
CA LYS B 118 16.93 -1.77 13.57
C LYS B 118 18.32 -1.63 14.17
N ALA B 119 18.56 -0.50 14.85
CA ALA B 119 19.85 -0.25 15.47
C ALA B 119 20.11 -1.17 16.66
N ASP B 120 19.07 -1.81 17.20
CA ASP B 120 19.23 -2.77 18.29
C ASP B 120 19.84 -4.08 17.85
N LEU B 121 19.92 -4.34 16.55
CA LEU B 121 20.46 -5.58 16.03
C LEU B 121 21.91 -5.42 15.61
N PRO B 122 22.68 -6.51 15.52
CA PRO B 122 24.06 -6.41 15.04
C PRO B 122 24.12 -5.78 13.65
N GLU B 123 25.12 -4.94 13.44
CA GLU B 123 25.20 -4.14 12.22
C GLU B 123 25.58 -5.01 11.03
N GLY B 124 25.24 -4.51 9.84
CA GLY B 124 25.60 -5.16 8.60
C GLY B 124 26.03 -4.16 7.55
N VAL B 125 27.33 -4.04 7.32
CA VAL B 125 27.88 -3.04 6.41
C VAL B 125 28.17 -3.69 5.06
N ALA B 126 27.96 -2.92 3.99
CA ALA B 126 27.84 -3.44 2.64
C ALA B 126 29.14 -4.08 2.15
N VAL B 127 29.04 -4.69 0.96
CA VAL B 127 30.16 -5.40 0.35
C VAL B 127 31.13 -4.43 -0.31
N SER B 128 30.61 -3.38 -0.96
CA SER B 128 31.41 -2.49 -1.79
C SER B 128 31.58 -1.09 -1.21
N GLY B 129 30.54 -0.49 -0.66
CA GLY B 129 30.60 0.89 -0.23
C GLY B 129 30.00 1.80 -1.28
N PRO B 130 29.94 3.12 -1.02
CA PRO B 130 30.41 3.82 0.18
C PRO B 130 29.55 3.55 1.41
N SER B 131 30.04 3.90 2.60
CA SER B 131 29.22 3.75 3.78
C SER B 131 28.15 4.85 3.78
N PRO B 132 27.06 4.64 4.51
CA PRO B 132 26.00 5.67 4.54
C PRO B 132 26.49 7.06 4.92
N ALA B 133 27.42 7.14 5.87
CA ALA B 133 27.88 8.46 6.32
C ALA B 133 28.69 9.18 5.24
N GLU B 134 29.53 8.45 4.51
CA GLU B 134 30.30 9.07 3.44
C GLU B 134 29.41 9.48 2.28
N PHE B 135 28.39 8.68 1.98
CA PHE B 135 27.44 9.05 0.93
C PHE B 135 26.73 10.34 1.27
N CYS B 136 26.30 10.50 2.51
CA CYS B 136 25.57 11.70 2.90
C CYS B 136 26.47 12.93 2.91
N ARG B 137 27.70 12.78 3.42
CA ARG B 137 28.62 13.90 3.40
C ARG B 137 28.97 14.30 1.97
N LYS B 138 29.15 13.31 1.09
CA LYS B 138 29.41 13.58 -0.32
C LYS B 138 28.24 14.33 -0.96
N HIS B 139 27.03 13.82 -0.79
CA HIS B 139 25.84 14.49 -1.29
C HIS B 139 25.31 15.55 -0.34
N ARG B 140 26.09 15.93 0.67
CA ARG B 140 25.83 17.09 1.53
C ARG B 140 24.50 16.97 2.29
N LEU B 141 24.09 15.75 2.59
CA LEU B 141 22.91 15.50 3.39
C LEU B 141 23.27 15.46 4.87
N PRO B 142 22.29 15.58 5.76
CA PRO B 142 22.55 15.30 7.17
C PRO B 142 23.07 13.88 7.32
N ALA B 143 23.78 13.65 8.43
CA ALA B 143 24.27 12.32 8.72
C ALA B 143 23.09 11.36 8.92
N PRO B 144 23.23 10.11 8.50
CA PRO B 144 22.16 9.13 8.75
C PRO B 144 21.90 8.98 10.25
N VAL B 145 20.64 8.88 10.62
CA VAL B 145 20.21 8.85 12.00
C VAL B 145 19.84 7.41 12.34
N PRO B 146 20.45 6.81 13.37
CA PRO B 146 20.03 5.45 13.78
C PRO B 146 18.71 5.50 14.51
N PHE B 147 17.92 4.43 14.35
CA PHE B 147 16.65 4.34 15.04
C PHE B 147 16.39 2.89 15.41
N SER B 148 15.67 2.70 16.53
CA SER B 148 15.26 1.37 16.95
C SER B 148 13.88 1.44 17.56
N CYS B 149 13.06 0.42 17.27
N CYS B 149 13.09 0.40 17.30
CA CYS B 149 11.72 0.28 17.84
CA CYS B 149 11.75 0.27 17.83
C CYS B 149 11.65 -0.74 18.97
C CYS B 149 11.66 -0.73 18.97
N ALA B 150 12.69 -1.56 19.15
CA ALA B 150 12.65 -2.66 20.12
C ALA B 150 12.92 -2.16 21.53
N GLY B 151 13.02 -3.10 22.46
CA GLY B 151 13.43 -2.80 23.81
C GLY B 151 12.28 -2.59 24.77
N PRO B 152 12.61 -2.34 26.03
CA PRO B 152 11.57 -2.11 27.04
C PRO B 152 11.01 -0.70 26.95
N ALA B 153 11.88 0.29 26.98
CA ALA B 153 11.46 1.69 27.01
C ALA B 153 10.72 2.06 25.73
N GLU B 154 9.80 3.02 25.86
CA GLU B 154 9.06 3.50 24.72
C GLU B 154 10.01 4.20 23.75
N PRO B 155 9.72 4.15 22.44
CA PRO B 155 10.68 4.68 21.47
C PRO B 155 10.92 6.18 21.66
N SER B 156 12.08 6.61 21.14
CA SER B 156 12.45 8.02 21.20
C SER B 156 11.54 8.86 20.31
N THR B 157 11.47 10.15 20.63
CA THR B 157 10.68 11.10 19.85
C THR B 157 11.55 12.12 19.12
N THR B 158 12.87 12.02 19.24
CA THR B 158 13.76 13.04 18.69
C THR B 158 13.68 13.10 17.18
N ILE B 159 13.66 11.95 16.51
CA ILE B 159 13.71 11.93 15.05
C ILE B 159 12.44 12.53 14.45
N PHE B 160 11.30 12.40 15.14
CA PHE B 160 10.06 12.93 14.59
C PHE B 160 10.01 14.44 14.70
N THR B 161 10.55 15.00 15.79
CA THR B 161 10.71 16.44 15.87
C THR B 161 11.67 16.94 14.80
N GLN B 162 12.76 16.21 14.57
CA GLN B 162 13.70 16.59 13.52
C GLN B 162 13.04 16.59 12.15
N LEU B 163 12.23 15.56 11.87
CA LEU B 163 11.55 15.49 10.57
C LEU B 163 10.57 16.64 10.39
N ALA B 164 9.78 16.95 11.42
CA ALA B 164 8.82 18.05 11.30
C ALA B 164 9.52 19.38 11.08
N THR B 165 10.65 19.59 11.75
CA THR B 165 11.38 20.85 11.61
C THR B 165 11.93 21.01 10.20
N MET B 166 12.51 19.93 9.65
CA MET B 166 12.97 19.97 8.26
C MET B 166 11.82 20.24 7.31
N ALA B 167 10.64 19.66 7.59
CA ALA B 167 9.47 19.88 6.76
C ALA B 167 8.98 21.32 6.86
N ALA B 168 9.01 21.89 8.07
CA ALA B 168 8.46 23.23 8.28
C ALA B 168 9.38 24.31 7.70
N PHE B 169 10.69 24.14 7.84
CA PHE B 169 11.67 25.11 7.35
C PHE B 169 12.70 24.36 6.52
N PRO B 170 12.39 24.09 5.25
CA PRO B 170 13.29 23.26 4.43
C PRO B 170 14.67 23.88 4.21
N HIS B 171 14.80 25.20 4.34
CA HIS B 171 16.09 25.86 4.07
C HIS B 171 16.77 26.32 5.35
N THR C 5 -16.38 2.36 16.76
CA THR C 5 -15.10 2.15 16.08
C THR C 5 -13.94 2.64 16.93
N GLN C 6 -12.82 1.91 16.88
CA GLN C 6 -11.60 2.34 17.54
C GLN C 6 -10.80 3.33 16.70
N ARG C 7 -11.18 3.55 15.44
CA ARG C 7 -10.47 4.52 14.61
C ARG C 7 -10.63 5.93 15.15
N SER C 8 -9.51 6.63 15.33
CA SER C 8 -9.52 8.05 15.59
CA SER C 8 -9.51 8.06 15.59
C SER C 8 -9.18 8.87 14.35
N VAL C 9 -8.59 8.24 13.33
CA VAL C 9 -8.26 8.90 12.07
C VAL C 9 -8.84 8.06 10.94
N LEU C 10 -9.49 8.71 9.99
CA LEU C 10 -10.14 8.09 8.86
C LEU C 10 -9.57 8.67 7.58
N LEU C 11 -9.40 7.81 6.56
CA LEU C 11 -8.72 8.19 5.32
C LEU C 11 -9.70 8.13 4.16
N CYS C 12 -9.96 9.28 3.53
CA CYS C 12 -10.77 9.34 2.32
C CYS C 12 -9.89 9.76 1.15
N LYS C 13 -9.89 8.95 0.09
CA LYS C 13 -9.25 9.35 -1.15
C LYS C 13 -10.29 10.03 -2.04
N VAL C 14 -10.01 11.28 -2.41
CA VAL C 14 -10.86 12.04 -3.32
C VAL C 14 -10.31 11.82 -4.73
N VAL C 15 -11.04 11.04 -5.52
CA VAL C 15 -10.53 10.42 -6.73
C VAL C 15 -11.27 11.01 -7.92
N GLY C 16 -10.54 11.65 -8.83
CA GLY C 16 -11.20 12.22 -9.99
C GLY C 16 -10.20 12.81 -10.96
N ALA C 17 -10.69 13.07 -12.17
CA ALA C 17 -9.86 13.60 -13.25
C ALA C 17 -9.41 15.02 -12.95
N CYS C 18 -8.38 15.45 -13.68
CA CYS C 18 -7.84 16.80 -13.53
C CYS C 18 -8.90 17.84 -13.87
N GLY C 19 -9.10 18.78 -12.95
CA GLY C 19 -10.03 19.88 -13.17
C GLY C 19 -11.46 19.64 -12.73
N VAL C 20 -11.76 18.51 -12.10
CA VAL C 20 -13.13 18.29 -11.67
C VAL C 20 -13.47 19.06 -10.40
N GLY C 21 -12.47 19.54 -9.66
CA GLY C 21 -12.71 20.31 -8.47
C GLY C 21 -12.25 19.66 -7.18
N LYS C 22 -11.25 18.78 -7.27
CA LYS C 22 -10.79 18.07 -6.07
C LYS C 22 -10.10 19.01 -5.08
N SER C 23 -9.22 19.88 -5.58
CA SER C 23 -8.50 20.77 -4.67
C SER C 23 -9.46 21.73 -3.99
N ALA C 24 -10.48 22.20 -4.73
CA ALA C 24 -11.50 23.07 -4.13
C ALA C 24 -12.36 22.30 -3.13
N PHE C 25 -12.61 21.02 -3.39
CA PHE C 25 -13.31 20.16 -2.44
C PHE C 25 -12.54 20.04 -1.15
N LEU C 26 -11.22 19.89 -1.23
CA LEU C 26 -10.40 19.81 -0.01
C LEU C 26 -10.43 21.13 0.75
N GLN C 27 -10.46 22.26 0.03
CA GLN C 27 -10.54 23.56 0.70
C GLN C 27 -11.89 23.74 1.39
N ALA C 28 -12.96 23.25 0.76
CA ALA C 28 -14.30 23.39 1.34
C ALA C 28 -14.43 22.58 2.62
N PHE C 29 -13.78 21.41 2.69
CA PHE C 29 -13.74 20.65 3.93
C PHE C 29 -13.19 21.50 5.07
N LEU C 30 -12.18 22.31 4.79
CA LEU C 30 -11.62 23.25 5.75
C LEU C 30 -12.42 24.53 5.84
N GLY C 31 -13.63 24.55 5.28
CA GLY C 31 -14.53 25.68 5.42
C GLY C 31 -14.23 26.86 4.52
N ARG C 32 -13.63 26.62 3.35
CA ARG C 32 -13.22 27.70 2.46
C ARG C 32 -13.73 27.44 1.05
N GLY C 33 -14.67 28.27 0.59
CA GLY C 33 -15.16 28.18 -0.77
C GLY C 33 -14.24 28.88 -1.75
N LEU C 34 -14.70 28.94 -3.01
CA LEU C 34 -13.92 29.59 -4.05
C LEU C 34 -13.64 31.05 -3.69
N GLY C 35 -12.42 31.48 -3.97
CA GLY C 35 -11.97 32.83 -3.65
C GLY C 35 -11.36 32.96 -2.27
N HIS C 36 -11.95 32.31 -1.27
CA HIS C 36 -11.46 32.33 0.10
C HIS C 36 -10.52 31.17 0.41
N GLN C 37 -9.93 30.55 -0.62
CA GLN C 37 -9.07 29.40 -0.40
C GLN C 37 -7.73 29.84 0.19
N ASP C 38 -7.12 28.94 0.95
CA ASP C 38 -5.85 29.21 1.62
C ASP C 38 -4.88 28.09 1.27
N THR C 39 -3.74 28.46 0.67
CA THR C 39 -2.74 27.51 0.20
C THR C 39 -1.68 27.21 1.26
N ARG C 40 -1.51 28.08 2.25
CA ARG C 40 -0.35 28.03 3.14
C ARG C 40 -0.50 27.07 4.32
N GLU C 41 -1.68 26.49 4.53
CA GLU C 41 -1.94 25.81 5.79
C GLU C 41 -1.56 24.33 5.77
N GLN C 42 -1.86 23.62 4.70
CA GLN C 42 -1.73 22.17 4.67
C GLN C 42 -0.95 21.73 3.43
N PRO C 43 -0.41 20.51 3.42
CA PRO C 43 0.36 20.07 2.26
C PRO C 43 -0.53 19.97 1.04
N PRO C 44 0.01 20.25 -0.14
CA PRO C 44 -0.78 20.09 -1.37
C PRO C 44 -1.31 18.67 -1.49
N GLY C 45 -2.57 18.56 -1.93
CA GLY C 45 -3.20 17.26 -2.07
C GLY C 45 -3.69 16.63 -0.80
N TYR C 46 -3.64 17.35 0.33
CA TYR C 46 -4.10 16.82 1.61
C TYR C 46 -4.93 17.87 2.33
N ALA C 47 -5.93 17.38 3.07
CA ALA C 47 -6.72 18.26 3.93
C ALA C 47 -7.17 17.44 5.12
N ILE C 48 -6.77 17.85 6.33
CA ILE C 48 -7.10 17.17 7.56
CA ILE C 48 -7.15 17.16 7.54
C ILE C 48 -7.85 18.14 8.47
N ASP C 49 -8.91 17.65 9.12
CA ASP C 49 -9.67 18.41 10.09
C ASP C 49 -10.51 17.43 10.88
N THR C 50 -11.14 17.93 11.94
CA THR C 50 -11.96 17.08 12.80
C THR C 50 -13.38 16.99 12.25
N VAL C 51 -14.02 15.85 12.51
CA VAL C 51 -15.40 15.58 12.10
C VAL C 51 -16.06 14.78 13.22
N GLN C 52 -17.32 15.07 13.49
CA GLN C 52 -18.10 14.31 14.47
C GLN C 52 -18.74 13.11 13.80
N VAL C 53 -18.50 11.93 14.36
CA VAL C 53 -19.12 10.69 13.90
C VAL C 53 -19.88 10.11 15.09
N ASN C 54 -21.19 10.38 15.14
CA ASN C 54 -22.08 9.85 16.18
C ASN C 54 -21.62 10.27 17.58
N GLY C 55 -21.43 11.58 17.76
CA GLY C 55 -21.04 12.13 19.04
C GLY C 55 -19.56 12.09 19.37
N GLN C 56 -18.77 11.36 18.58
CA GLN C 56 -17.34 11.23 18.82
C GLN C 56 -16.53 12.01 17.78
N GLU C 57 -15.49 12.68 18.24
CA GLU C 57 -14.65 13.46 17.36
C GLU C 57 -13.63 12.55 16.66
N LYS C 58 -13.56 12.65 15.34
CA LYS C 58 -12.58 11.92 14.55
C LYS C 58 -11.82 12.88 13.67
N TYR C 59 -10.63 12.47 13.25
CA TYR C 59 -9.89 13.19 12.22
C TYR C 59 -10.14 12.49 10.89
N LEU C 60 -10.50 13.28 9.88
CA LEU C 60 -10.66 12.80 8.51
C LEU C 60 -9.58 13.41 7.64
N ILE C 61 -8.84 12.55 6.92
CA ILE C 61 -7.88 12.99 5.91
C ILE C 61 -8.55 12.89 4.55
N LEU C 62 -8.49 13.96 3.79
CA LEU C 62 -8.84 13.94 2.38
C LEU C 62 -7.55 13.91 1.58
N CYS C 63 -7.41 12.90 0.73
CA CYS C 63 -6.21 12.71 -0.09
CA CYS C 63 -6.21 12.71 -0.09
C CYS C 63 -6.61 12.85 -1.56
N GLU C 64 -6.14 13.91 -2.19
CA GLU C 64 -6.45 14.15 -3.59
C GLU C 64 -5.65 13.20 -4.47
N VAL C 65 -6.34 12.51 -5.37
CA VAL C 65 -5.70 11.59 -6.30
C VAL C 65 -6.30 11.82 -7.68
N GLY C 66 -5.44 12.10 -8.66
CA GLY C 66 -5.90 12.25 -10.02
C GLY C 66 -6.11 10.91 -10.73
N THR C 67 -6.88 10.95 -11.81
CA THR C 67 -7.18 9.75 -12.60
C THR C 67 -7.00 9.94 -14.10
N ASP C 68 -6.64 11.13 -14.56
CA ASP C 68 -6.50 11.38 -15.98
C ASP C 68 -5.33 10.61 -16.56
N GLY C 69 -5.47 10.19 -17.81
CA GLY C 69 -4.37 9.51 -18.49
C GLY C 69 -4.04 8.21 -17.80
N LEU C 70 -2.74 8.00 -17.54
CA LEU C 70 -2.27 6.76 -16.94
C LEU C 70 -2.60 6.63 -15.46
N LEU C 71 -3.01 7.71 -14.80
CA LEU C 71 -3.46 7.59 -13.42
C LEU C 71 -4.74 6.76 -13.33
N ALA C 72 -5.46 6.59 -14.44
CA ALA C 72 -6.69 5.81 -14.42
C ALA C 72 -6.42 4.35 -14.06
N THR C 73 -5.29 3.80 -14.51
CA THR C 73 -4.90 2.43 -14.23
CA THR C 73 -4.96 2.43 -14.15
C THR C 73 -3.80 2.31 -13.17
N SER C 74 -3.00 3.36 -13.00
CA SER C 74 -1.92 3.36 -12.00
C SER C 74 -2.44 4.09 -10.77
N LEU C 75 -3.28 3.40 -10.00
CA LEU C 75 -3.96 3.96 -8.85
C LEU C 75 -3.86 3.01 -7.67
N ASP C 76 -3.31 3.49 -6.56
CA ASP C 76 -3.39 2.79 -5.29
C ASP C 76 -4.75 3.10 -4.68
N ALA C 77 -5.69 2.18 -4.85
CA ALA C 77 -7.08 2.44 -4.48
C ALA C 77 -7.34 2.36 -2.97
N THR C 78 -6.35 1.91 -2.19
CA THR C 78 -6.58 1.64 -0.77
C THR C 78 -6.97 2.90 -0.01
N CYS C 79 -8.09 2.82 0.71
CA CYS C 79 -8.55 3.90 1.58
C CYS C 79 -9.69 3.35 2.42
N ASP C 80 -10.15 4.17 3.38
CA ASP C 80 -11.31 3.79 4.19
C ASP C 80 -12.62 4.11 3.49
N VAL C 81 -12.64 5.14 2.66
CA VAL C 81 -13.77 5.46 1.80
C VAL C 81 -13.23 6.17 0.57
N ALA C 82 -13.78 5.86 -0.59
CA ALA C 82 -13.39 6.50 -1.83
C ALA C 82 -14.45 7.52 -2.23
N CYS C 83 -14.03 8.77 -2.46
CA CYS C 83 -14.91 9.83 -2.94
C CYS C 83 -14.64 9.98 -4.43
N LEU C 84 -15.52 9.43 -5.25
CA LEU C 84 -15.35 9.45 -6.71
C LEU C 84 -16.03 10.69 -7.26
N MET C 85 -15.24 11.63 -7.76
CA MET C 85 -15.75 12.94 -8.17
C MET C 85 -15.73 13.07 -9.69
N PHE C 86 -16.85 13.54 -10.25
CA PHE C 86 -16.93 13.89 -11.66
C PHE C 86 -17.55 15.28 -11.81
N ASP C 87 -17.16 15.97 -12.88
CA ASP C 87 -17.63 17.32 -13.13
C ASP C 87 -19.08 17.28 -13.59
N GLY C 88 -19.99 17.79 -12.75
CA GLY C 88 -21.39 17.79 -13.10
C GLY C 88 -21.72 18.61 -14.33
N SER C 89 -20.89 19.61 -14.65
CA SER C 89 -21.11 20.45 -15.81
C SER C 89 -20.42 19.94 -17.06
N ASP C 90 -19.68 18.83 -16.98
CA ASP C 90 -18.97 18.27 -18.12
C ASP C 90 -19.67 17.00 -18.57
N PRO C 91 -20.23 16.99 -19.79
CA PRO C 91 -20.96 15.78 -20.25
C PRO C 91 -20.12 14.50 -20.22
N LYS C 92 -18.87 14.55 -20.64
CA LYS C 92 -18.04 13.36 -20.75
C LYS C 92 -17.30 13.03 -19.46
N SER C 93 -17.56 13.76 -18.38
CA SER C 93 -16.79 13.57 -17.15
C SER C 93 -17.17 12.26 -16.44
N PHE C 94 -18.48 11.97 -16.35
CA PHE C 94 -18.92 10.82 -15.56
C PHE C 94 -18.40 9.51 -16.13
N ALA C 95 -18.28 9.40 -17.45
CA ALA C 95 -17.84 8.14 -18.06
C ALA C 95 -16.48 7.72 -17.53
N HIS C 96 -15.53 8.66 -17.51
CA HIS C 96 -14.19 8.36 -17.00
C HIS C 96 -14.24 7.96 -15.51
N CYS C 97 -15.14 8.60 -14.75
CA CYS C 97 -15.23 8.34 -13.31
C CYS C 97 -15.87 6.99 -13.06
N ALA C 98 -16.89 6.62 -13.86
CA ALA C 98 -17.49 5.31 -13.75
C ALA C 98 -16.51 4.21 -14.13
N SER C 99 -15.63 4.48 -15.10
CA SER C 99 -14.63 3.49 -15.49
C SER C 99 -13.65 3.23 -14.35
N VAL C 100 -13.27 4.28 -13.61
CA VAL C 100 -12.37 4.11 -12.47
C VAL C 100 -13.03 3.22 -11.41
N TYR C 101 -14.31 3.46 -11.14
CA TYR C 101 -15.03 2.66 -10.15
C TYR C 101 -15.05 1.18 -10.55
N LYS C 102 -15.39 0.89 -11.81
CA LYS C 102 -15.46 -0.50 -12.25
C LYS C 102 -14.11 -1.19 -12.14
N HIS C 103 -13.04 -0.49 -12.52
CA HIS C 103 -11.72 -1.10 -12.60
C HIS C 103 -10.99 -1.16 -11.26
N HIS C 104 -11.46 -0.44 -10.24
CA HIS C 104 -10.72 -0.36 -8.98
C HIS C 104 -11.55 -0.62 -7.74
N TYR C 105 -12.87 -0.41 -7.75
CA TYR C 105 -13.67 -0.52 -6.54
C TYR C 105 -14.88 -1.43 -6.63
N MET C 106 -15.36 -1.75 -7.83
CA MET C 106 -16.68 -2.36 -8.00
C MET C 106 -16.82 -3.67 -7.21
N ASP C 107 -15.82 -4.53 -7.26
CA ASP C 107 -15.89 -5.85 -6.64
CA ASP C 107 -15.92 -5.85 -6.63
C ASP C 107 -15.37 -5.89 -5.22
N GLY C 108 -14.86 -4.77 -4.70
CA GLY C 108 -14.24 -4.74 -3.40
C GLY C 108 -15.20 -4.42 -2.27
N GLN C 109 -14.62 -4.16 -1.10
CA GLN C 109 -15.37 -3.85 0.11
C GLN C 109 -15.26 -2.38 0.52
N THR C 110 -14.53 -1.56 -0.24
CA THR C 110 -14.33 -0.17 0.17
C THR C 110 -15.58 0.64 -0.14
N PRO C 111 -16.10 1.39 0.82
CA PRO C 111 -17.26 2.26 0.54
C PRO C 111 -16.91 3.32 -0.48
N CYS C 112 -17.87 3.61 -1.37
CA CYS C 112 -17.69 4.58 -2.43
C CYS C 112 -18.85 5.56 -2.45
N LEU C 113 -18.52 6.83 -2.64
CA LEU C 113 -19.52 7.88 -2.74
C LEU C 113 -19.23 8.67 -4.01
N PHE C 114 -20.19 8.72 -4.91
CA PHE C 114 -20.07 9.53 -6.11
C PHE C 114 -20.47 10.97 -5.83
N VAL C 115 -19.68 11.91 -6.33
CA VAL C 115 -19.90 13.34 -6.09
C VAL C 115 -19.92 14.06 -7.43
N SER C 116 -21.01 14.78 -7.69
CA SER C 116 -21.15 15.59 -8.89
C SER C 116 -20.73 17.01 -8.54
N SER C 117 -19.52 17.38 -8.93
CA SER C 117 -18.97 18.68 -8.56
C SER C 117 -19.55 19.79 -9.43
N LYS C 118 -19.27 21.03 -9.03
CA LYS C 118 -19.64 22.22 -9.78
C LYS C 118 -21.15 22.26 -10.04
N ALA C 119 -21.93 22.06 -8.98
CA ALA C 119 -23.37 22.03 -9.11
C ALA C 119 -23.95 23.40 -9.42
N ASP C 120 -23.22 24.48 -9.07
CA ASP C 120 -23.69 25.83 -9.38
C ASP C 120 -23.70 26.12 -10.88
N LEU C 121 -22.90 25.41 -11.66
CA LEU C 121 -22.87 25.62 -13.10
C LEU C 121 -23.99 24.83 -13.77
N PRO C 122 -24.44 25.27 -14.95
CA PRO C 122 -25.44 24.51 -15.70
C PRO C 122 -24.95 23.08 -15.96
N GLU C 123 -25.87 22.13 -15.78
CA GLU C 123 -25.52 20.73 -15.85
C GLU C 123 -25.10 20.33 -17.26
N GLY C 124 -24.20 19.35 -17.34
CA GLY C 124 -23.78 18.79 -18.61
C GLY C 124 -23.91 17.29 -18.63
N VAL C 125 -24.91 16.79 -19.35
CA VAL C 125 -25.17 15.35 -19.42
C VAL C 125 -25.05 14.87 -20.86
N GLY C 129 -25.56 7.49 -21.81
CA GLY C 129 -26.10 6.74 -20.69
C GLY C 129 -25.13 5.75 -20.10
N PRO C 130 -25.39 5.30 -18.85
CA PRO C 130 -26.53 5.78 -18.07
C PRO C 130 -26.21 7.07 -17.33
N SER C 131 -27.24 7.72 -16.78
CA SER C 131 -26.97 8.87 -15.95
C SER C 131 -26.31 8.42 -14.66
N PRO C 132 -25.60 9.31 -13.97
CA PRO C 132 -24.98 8.92 -12.69
C PRO C 132 -25.96 8.27 -11.72
N ALA C 133 -27.19 8.78 -11.65
CA ALA C 133 -28.18 8.18 -10.76
C ALA C 133 -28.52 6.75 -11.17
N GLU C 134 -28.67 6.48 -12.47
CA GLU C 134 -28.94 5.12 -12.93
C GLU C 134 -27.77 4.20 -12.58
N PHE C 135 -26.55 4.69 -12.72
CA PHE C 135 -25.37 3.86 -12.49
C PHE C 135 -25.26 3.45 -11.02
N CYS C 136 -25.39 4.41 -10.11
CA CYS C 136 -25.27 4.10 -8.69
C CYS C 136 -26.38 3.18 -8.23
N ARG C 137 -27.52 3.19 -8.90
CA ARG C 137 -28.61 2.34 -8.48
C ARG C 137 -28.36 0.88 -8.88
N LYS C 138 -27.96 0.67 -10.15
CA LYS C 138 -27.67 -0.70 -10.60
C LYS C 138 -26.59 -1.35 -9.78
N HIS C 139 -25.56 -0.58 -9.41
CA HIS C 139 -24.42 -1.10 -8.68
C HIS C 139 -24.58 -0.98 -7.16
N ARG C 140 -25.80 -0.73 -6.68
CA ARG C 140 -26.11 -0.71 -5.25
C ARG C 140 -25.23 0.29 -4.50
N LEU C 141 -25.07 1.47 -5.07
CA LEU C 141 -24.28 2.54 -4.48
C LEU C 141 -25.19 3.63 -3.93
N PRO C 142 -24.70 4.47 -3.02
CA PRO C 142 -25.45 5.65 -2.61
C PRO C 142 -25.72 6.57 -3.80
N ALA C 143 -26.74 7.39 -3.65
CA ALA C 143 -27.08 8.33 -4.71
C ALA C 143 -25.95 9.34 -4.90
N PRO C 144 -25.66 9.75 -6.12
CA PRO C 144 -24.60 10.74 -6.33
C PRO C 144 -24.97 12.07 -5.68
N VAL C 145 -23.99 12.68 -5.01
CA VAL C 145 -24.21 13.86 -4.18
C VAL C 145 -23.71 15.08 -4.96
N PRO C 146 -24.58 16.03 -5.30
CA PRO C 146 -24.10 17.27 -5.89
C PRO C 146 -23.30 18.09 -4.88
N PHE C 147 -22.39 18.91 -5.40
CA PHE C 147 -21.58 19.75 -4.53
C PHE C 147 -21.12 20.98 -5.29
N SER C 148 -20.99 22.09 -4.58
CA SER C 148 -20.51 23.34 -5.15
C SER C 148 -19.69 24.08 -4.10
N CYS C 149 -18.57 24.66 -4.54
CA CYS C 149 -17.72 25.48 -3.69
C CYS C 149 -17.94 26.97 -3.92
N ALA C 150 -18.77 27.33 -4.89
CA ALA C 150 -19.00 28.73 -5.24
C ALA C 150 -20.05 29.36 -4.34
N GLY C 151 -20.60 30.49 -4.78
CA GLY C 151 -21.70 31.10 -4.08
C GLY C 151 -21.26 32.01 -2.95
N PRO C 152 -22.22 32.76 -2.40
CA PRO C 152 -21.89 33.71 -1.32
C PRO C 152 -21.47 33.04 -0.02
N ALA C 153 -22.29 32.14 0.49
CA ALA C 153 -22.06 31.56 1.81
C ALA C 153 -21.02 30.44 1.75
N GLU C 154 -20.57 30.02 2.93
CA GLU C 154 -19.53 29.02 3.03
C GLU C 154 -20.06 27.65 2.60
N PRO C 155 -19.19 26.79 2.06
CA PRO C 155 -19.64 25.48 1.58
C PRO C 155 -20.26 24.63 2.69
N SER C 156 -21.16 23.75 2.28
CA SER C 156 -21.84 22.85 3.19
C SER C 156 -20.87 21.81 3.76
N THR C 157 -21.13 21.39 5.00
CA THR C 157 -20.33 20.37 5.67
C THR C 157 -20.99 18.99 5.65
N THR C 158 -22.13 18.85 4.97
CA THR C 158 -22.87 17.59 5.00
CA THR C 158 -22.88 17.60 4.98
C THR C 158 -22.06 16.45 4.44
N ILE C 159 -21.46 16.63 3.26
CA ILE C 159 -20.82 15.52 2.57
C ILE C 159 -19.60 15.01 3.32
N PHE C 160 -18.93 15.87 4.10
CA PHE C 160 -17.75 15.41 4.80
C PHE C 160 -18.11 14.56 6.01
N THR C 161 -19.18 14.95 6.73
CA THR C 161 -19.72 14.08 7.76
C THR C 161 -20.15 12.73 7.19
N GLN C 162 -20.74 12.75 5.98
CA GLN C 162 -21.18 11.50 5.36
C GLN C 162 -19.98 10.62 4.99
N LEU C 163 -18.93 11.21 4.41
CA LEU C 163 -17.74 10.44 4.06
C LEU C 163 -17.11 9.82 5.30
N ALA C 164 -16.96 10.60 6.37
CA ALA C 164 -16.36 10.07 7.60
C ALA C 164 -17.21 8.95 8.19
N THR C 165 -18.54 9.10 8.15
CA THR C 165 -19.42 8.05 8.67
C THR C 165 -19.32 6.77 7.85
N MET C 166 -19.23 6.88 6.52
CA MET C 166 -19.03 5.69 5.70
C MET C 166 -17.68 5.05 5.98
N ALA C 167 -16.64 5.87 6.18
CA ALA C 167 -15.31 5.33 6.45
C ALA C 167 -15.27 4.61 7.79
N ALA C 168 -16.02 5.11 8.78
CA ALA C 168 -15.97 4.54 10.12
C ALA C 168 -16.72 3.23 10.21
N PHE C 169 -17.80 3.08 9.45
CA PHE C 169 -18.64 1.87 9.49
C PHE C 169 -18.86 1.36 8.08
N PRO C 170 -17.89 0.59 7.54
CA PRO C 170 -17.95 0.03 6.19
C PRO C 170 -19.20 -0.82 5.95
#